data_6QDU
#
_entry.id   6QDU
#
_cell.length_a   82.854
_cell.length_b   111.737
_cell.length_c   62.802
_cell.angle_alpha   90.000
_cell.angle_beta   90.000
_cell.angle_gamma   90.000
#
_symmetry.space_group_name_H-M   'C 2 2 21'
#
loop_
_entity.id
_entity.type
_entity.pdbx_description
1 polymer '14-3-3 protein sigma'
2 non-polymer FC-NCPC
3 non-polymer PHOSPHOTHREONINE
4 non-polymer 'CHLORIDE ION'
5 non-polymer 'SODIUM ION'
6 water water
#
_entity_poly.entity_id   1
_entity_poly.type   'polypeptide(L)'
_entity_poly.pdbx_seq_one_letter_code
;GAMGSMERASLIQKAKLAEQAERYEDMAAFMKGAVEKGEELSCEERNLLSVAYKNVVGGQRAAWRVLSSIEQKSNEEGSE
EKGPEVREYREKVETELQGVCDTVLGLLDSHLIKEAGDAESRVFYLKMKGDYYRYLAEVATGDDKKRIIDSARSAYQEAM
DISKKEMPPTNPIRLGLALNFSVFHYEIANSPEEAISLAKTTFDEAMADLHTLSEDSYKDSTLIMQLLRDNLTLWT
;
_entity_poly.pdbx_strand_id   A
#
# COMPACT_ATOMS: atom_id res chain seq x y z
N GLY A 1 18.86 7.74 14.61
CA GLY A 1 18.24 8.36 13.40
C GLY A 1 18.26 9.87 13.44
N ALA A 2 18.15 10.49 12.26
CA ALA A 2 18.23 11.94 12.17
C ALA A 2 17.05 12.64 12.85
N MET A 3 15.95 11.92 13.10
CA MET A 3 14.81 12.49 13.78
C MET A 3 14.82 12.21 15.28
N GLY A 4 15.89 11.58 15.79
CA GLY A 4 15.93 11.15 17.18
C GLY A 4 15.89 12.29 18.17
N SER A 5 16.33 13.48 17.78
N SER A 5 16.32 13.48 17.78
CA SER A 5 16.35 14.61 18.68
CA SER A 5 16.35 14.63 18.68
C SER A 5 15.05 15.42 18.69
C SER A 5 15.05 15.41 18.69
N MET A 6 14.09 15.09 17.82
CA MET A 6 12.86 15.85 17.74
C MET A 6 11.74 15.18 18.52
N GLU A 7 10.94 16.00 19.20
CA GLU A 7 9.78 15.52 19.94
C GLU A 7 8.83 14.77 19.01
N ARG A 8 8.24 13.69 19.52
CA ARG A 8 7.24 12.95 18.77
C ARG A 8 6.14 13.89 18.27
N ALA A 9 5.62 14.75 19.15
CA ALA A 9 4.53 15.63 18.73
C ALA A 9 4.99 16.59 17.63
N SER A 10 6.25 17.03 17.68
CA SER A 10 6.77 17.92 16.64
C SER A 10 6.90 17.18 15.31
N LEU A 11 7.28 15.90 15.35
CA LEU A 11 7.35 15.10 14.14
C LEU A 11 5.97 14.95 13.50
N ILE A 12 4.94 14.69 14.31
CA ILE A 12 3.59 14.58 13.78
C ILE A 12 3.15 15.90 13.18
N GLN A 13 3.41 17.00 13.89
N GLN A 13 3.40 17.00 13.90
CA GLN A 13 3.04 18.32 13.38
CA GLN A 13 3.05 18.32 13.39
C GLN A 13 3.71 18.60 12.04
C GLN A 13 3.70 18.57 12.02
N LYS A 14 4.99 18.26 11.91
CA LYS A 14 5.70 18.55 10.66
C LYS A 14 5.27 17.59 9.55
N ALA A 15 4.88 16.37 9.90
CA ALA A 15 4.33 15.48 8.89
C ALA A 15 3.07 16.09 8.28
N LYS A 16 2.22 16.71 9.10
CA LYS A 16 1.00 17.33 8.58
C LYS A 16 1.34 18.56 7.73
N LEU A 17 2.36 19.31 8.13
CA LEU A 17 2.81 20.43 7.31
C LEU A 17 3.37 19.94 5.98
N ALA A 18 4.21 18.90 6.03
CA ALA A 18 4.75 18.35 4.79
C ALA A 18 3.65 17.88 3.85
N GLU A 19 2.60 17.27 4.41
CA GLU A 19 1.46 16.85 3.58
C GLU A 19 0.84 18.05 2.88
N GLN A 20 0.64 19.15 3.61
CA GLN A 20 0.02 20.33 3.00
C GLN A 20 0.90 20.91 1.90
N ALA A 21 2.23 20.78 2.05
CA ALA A 21 3.17 21.29 1.07
C ALA A 21 3.52 20.27 0.00
N GLU A 22 2.89 19.10 0.01
N GLU A 22 2.89 19.10 0.01
CA GLU A 22 3.17 18.03 -0.94
CA GLU A 22 3.17 18.04 -0.96
C GLU A 22 4.65 17.66 -0.96
C GLU A 22 4.65 17.65 -0.96
N ARG A 23 5.24 17.62 0.24
CA ARG A 23 6.62 17.20 0.43
C ARG A 23 6.61 15.81 1.05
N TYR A 24 6.36 14.81 0.21
CA TYR A 24 6.06 13.48 0.73
C TYR A 24 7.31 12.77 1.24
N GLU A 25 8.47 13.02 0.65
N GLU A 25 8.47 13.02 0.65
CA GLU A 25 9.70 12.44 1.19
CA GLU A 25 9.71 12.45 1.18
C GLU A 25 9.96 12.94 2.61
C GLU A 25 9.95 12.95 2.60
N ASP A 26 9.84 14.26 2.81
CA ASP A 26 9.92 14.80 4.17
C ASP A 26 8.87 14.17 5.06
N MET A 27 7.63 14.09 4.56
CA MET A 27 6.53 13.55 5.34
C MET A 27 6.84 12.14 5.81
N ALA A 28 7.37 11.30 4.91
CA ALA A 28 7.72 9.94 5.28
C ALA A 28 8.82 9.92 6.33
N ALA A 29 9.83 10.78 6.19
CA ALA A 29 10.92 10.81 7.15
C ALA A 29 10.42 11.22 8.53
N PHE A 30 9.52 12.20 8.60
CA PHE A 30 8.96 12.60 9.89
C PHE A 30 8.17 11.45 10.51
N MET A 31 7.36 10.74 9.71
CA MET A 31 6.55 9.67 10.25
C MET A 31 7.40 8.45 10.63
N LYS A 32 8.46 8.18 9.88
CA LYS A 32 9.42 7.16 10.30
C LYS A 32 10.01 7.53 11.66
N GLY A 33 10.42 8.78 11.83
CA GLY A 33 10.92 9.22 13.13
C GLY A 33 9.90 9.03 14.23
N ALA A 34 8.63 9.34 13.95
CA ALA A 34 7.58 9.17 14.96
C ALA A 34 7.42 7.71 15.33
N VAL A 35 7.38 6.83 14.34
CA VAL A 35 7.25 5.40 14.62
C VAL A 35 8.38 4.94 15.52
N GLU A 36 9.60 5.43 15.27
CA GLU A 36 10.78 4.99 15.99
C GLU A 36 10.83 5.51 17.42
N LYS A 37 9.90 6.39 17.81
CA LYS A 37 9.79 6.73 19.22
C LYS A 37 9.26 5.58 20.07
N GLY A 38 8.69 4.56 19.45
CA GLY A 38 8.34 3.34 20.16
C GLY A 38 6.92 3.25 20.67
N GLU A 39 6.12 4.28 20.48
N GLU A 39 6.11 4.28 20.47
CA GLU A 39 4.72 4.26 20.90
CA GLU A 39 4.71 4.27 20.89
C GLU A 39 3.84 3.86 19.71
C GLU A 39 3.83 3.91 19.71
N GLU A 40 2.67 3.31 20.03
CA GLU A 40 1.73 2.93 18.99
C GLU A 40 1.22 4.19 18.30
N LEU A 41 0.81 4.04 17.05
CA LEU A 41 0.26 5.15 16.31
C LEU A 41 -1.26 5.17 16.45
N SER A 42 -1.82 6.38 16.47
CA SER A 42 -3.26 6.55 16.45
C SER A 42 -3.80 6.33 15.04
N CYS A 43 -5.13 6.34 14.92
N CYS A 43 -5.13 6.34 14.92
CA CYS A 43 -5.77 6.20 13.62
CA CYS A 43 -5.75 6.19 13.61
C CYS A 43 -5.30 7.28 12.66
C CYS A 43 -5.27 7.28 12.66
N GLU A 44 -5.30 8.53 13.11
CA GLU A 44 -4.87 9.64 12.25
C GLU A 44 -3.40 9.49 11.87
N GLU A 45 -2.57 9.03 12.82
CA GLU A 45 -1.14 8.92 12.56
C GLU A 45 -0.85 7.78 11.57
N ARG A 46 -1.60 6.69 11.66
CA ARG A 46 -1.45 5.62 10.68
C ARG A 46 -1.73 6.13 9.27
N ASN A 47 -2.77 6.96 9.13
CA ASN A 47 -3.10 7.52 7.82
C ASN A 47 -1.96 8.38 7.30
N LEU A 48 -1.34 9.17 8.18
CA LEU A 48 -0.20 9.99 7.76
C LEU A 48 0.94 9.11 7.26
N LEU A 49 1.24 8.04 8.00
CA LEU A 49 2.32 7.13 7.60
C LEU A 49 2.04 6.53 6.23
N SER A 50 0.82 6.03 6.01
N SER A 50 0.81 6.05 6.00
CA SER A 50 0.49 5.36 4.76
CA SER A 50 0.51 5.35 4.76
C SER A 50 0.53 6.32 3.59
C SER A 50 0.48 6.30 3.57
N VAL A 51 -0.05 7.51 3.77
CA VAL A 51 -0.12 8.47 2.66
C VAL A 51 1.28 8.90 2.26
N ALA A 52 2.14 9.15 3.25
CA ALA A 52 3.49 9.60 2.94
C ALA A 52 4.22 8.59 2.06
N TYR A 53 4.30 7.34 2.51
CA TYR A 53 5.05 6.35 1.76
C TYR A 53 4.35 5.95 0.46
N LYS A 54 3.01 5.98 0.45
CA LYS A 54 2.30 5.69 -0.79
C LYS A 54 2.69 6.69 -1.88
N ASN A 55 2.83 7.96 -1.51
CA ASN A 55 3.16 8.97 -2.52
C ASN A 55 4.62 8.85 -2.94
N VAL A 56 5.52 8.53 -2.01
CA VAL A 56 6.92 8.37 -2.37
C VAL A 56 7.08 7.21 -3.35
N VAL A 57 6.56 6.03 -2.99
N VAL A 57 6.56 6.03 -2.99
CA VAL A 57 6.71 4.86 -3.85
CA VAL A 57 6.72 4.87 -3.86
C VAL A 57 5.90 5.02 -5.12
C VAL A 57 5.91 5.04 -5.13
N GLY A 58 4.79 5.75 -5.06
CA GLY A 58 3.98 5.94 -6.26
C GLY A 58 4.73 6.68 -7.34
N GLY A 59 5.51 7.69 -6.96
CA GLY A 59 6.34 8.39 -7.93
C GLY A 59 7.46 7.52 -8.47
N GLN A 60 8.04 6.69 -7.61
CA GLN A 60 9.07 5.76 -8.05
C GLN A 60 8.50 4.72 -9.01
N ARG A 61 7.31 4.19 -8.69
CA ARG A 61 6.69 3.21 -9.56
C ARG A 61 6.37 3.80 -10.92
N ALA A 62 5.80 5.01 -10.95
CA ALA A 62 5.48 5.64 -12.23
C ALA A 62 6.74 5.85 -13.06
N ALA A 63 7.83 6.27 -12.42
CA ALA A 63 9.09 6.44 -13.15
C ALA A 63 9.64 5.11 -13.63
N TRP A 64 9.59 4.08 -12.76
CA TRP A 64 10.06 2.75 -13.16
C TRP A 64 9.29 2.24 -14.36
N ARG A 65 7.98 2.45 -14.38
N ARG A 65 7.97 2.46 -14.39
CA ARG A 65 7.16 1.97 -15.50
CA ARG A 65 7.17 1.96 -15.50
C ARG A 65 7.55 2.66 -16.79
C ARG A 65 7.53 2.66 -16.80
N VAL A 66 7.80 3.96 -16.75
CA VAL A 66 8.22 4.69 -17.94
C VAL A 66 9.53 4.12 -18.47
N LEU A 67 10.48 3.91 -17.57
CA LEU A 67 11.81 3.45 -17.99
C LEU A 67 11.77 2.00 -18.46
N SER A 68 11.01 1.15 -17.77
N SER A 68 11.01 1.15 -17.77
CA SER A 68 10.89 -0.24 -18.20
CA SER A 68 10.89 -0.24 -18.20
C SER A 68 10.26 -0.32 -19.58
C SER A 68 10.26 -0.32 -19.58
N SER A 69 9.26 0.53 -19.85
N SER A 69 9.26 0.52 -19.86
CA SER A 69 8.65 0.56 -21.18
CA SER A 69 8.66 0.54 -21.18
C SER A 69 9.67 0.90 -22.24
C SER A 69 9.68 0.91 -22.25
N ILE A 70 10.51 1.91 -22.00
CA ILE A 70 11.55 2.27 -22.96
C ILE A 70 12.51 1.10 -23.14
N GLU A 71 12.89 0.46 -22.03
CA GLU A 71 13.82 -0.67 -22.08
C GLU A 71 13.27 -1.81 -22.92
N GLN A 72 12.01 -2.19 -22.68
CA GLN A 72 11.44 -3.33 -23.39
C GLN A 72 11.36 -3.05 -24.88
N LYS A 73 11.00 -1.81 -25.25
CA LYS A 73 11.02 -1.42 -26.67
C LYS A 73 12.42 -1.56 -27.25
N SER A 74 13.44 -1.12 -26.51
CA SER A 74 14.79 -1.12 -27.03
C SER A 74 15.30 -2.51 -27.34
N ASN A 75 14.65 -3.56 -26.80
CA ASN A 75 15.04 -4.93 -27.08
C ASN A 75 14.03 -5.62 -28.00
N GLU A 76 13.25 -4.84 -28.75
CA GLU A 76 12.36 -5.39 -29.77
C GLU A 76 13.14 -5.66 -31.05
N GLU A 80 17.33 -0.50 -32.47
CA GLU A 80 18.65 0.09 -32.57
C GLU A 80 19.35 0.02 -31.22
N GLU A 81 20.55 -0.55 -31.18
CA GLU A 81 21.29 -0.67 -29.93
C GLU A 81 21.80 0.70 -29.51
N LYS A 82 21.61 1.04 -28.23
CA LYS A 82 22.00 2.35 -27.71
C LYS A 82 22.80 2.24 -26.42
N GLY A 83 23.28 1.05 -26.07
CA GLY A 83 24.17 0.91 -24.95
C GLY A 83 23.45 0.65 -23.65
N PRO A 84 24.18 0.69 -22.54
CA PRO A 84 23.65 0.23 -21.25
C PRO A 84 22.83 1.25 -20.48
N GLU A 85 22.66 2.47 -20.99
CA GLU A 85 22.17 3.56 -20.15
C GLU A 85 20.73 3.34 -19.70
N VAL A 86 19.85 2.89 -20.59
CA VAL A 86 18.45 2.70 -20.19
C VAL A 86 18.37 1.68 -19.06
N ARG A 87 19.03 0.53 -19.25
CA ARG A 87 19.03 -0.49 -18.19
C ARG A 87 19.62 0.05 -16.90
N GLU A 88 20.74 0.76 -17.01
CA GLU A 88 21.40 1.29 -15.81
C GLU A 88 20.47 2.20 -15.02
N TYR A 89 19.80 3.12 -15.72
CA TYR A 89 18.96 4.10 -15.04
C TYR A 89 17.69 3.43 -14.50
N ARG A 90 17.11 2.50 -15.25
CA ARG A 90 16.01 1.70 -14.71
C ARG A 90 16.43 0.97 -13.45
N GLU A 91 17.64 0.39 -13.46
N GLU A 91 17.63 0.40 -13.44
CA GLU A 91 18.15 -0.30 -12.27
CA GLU A 91 18.11 -0.27 -12.23
C GLU A 91 18.32 0.67 -11.11
C GLU A 91 18.28 0.72 -11.08
N LYS A 92 18.75 1.90 -11.40
N LYS A 92 18.79 1.92 -11.38
CA LYS A 92 18.92 2.90 -10.34
CA LYS A 92 18.93 2.94 -10.34
C LYS A 92 17.58 3.21 -9.67
C LYS A 92 17.58 3.21 -9.67
N VAL A 93 16.56 3.51 -10.47
CA VAL A 93 15.24 3.79 -9.91
C VAL A 93 14.71 2.57 -9.17
N GLU A 94 14.91 1.39 -9.75
CA GLU A 94 14.42 0.15 -9.14
C GLU A 94 15.03 -0.06 -7.76
N THR A 95 16.34 0.14 -7.64
N THR A 95 16.34 0.14 -7.63
CA THR A 95 17.01 -0.03 -6.36
CA THR A 95 16.99 -0.07 -6.34
C THR A 95 16.47 0.96 -5.32
C THR A 95 16.52 0.94 -5.29
N GLU A 96 16.27 2.22 -5.73
N GLU A 96 16.24 2.18 -5.71
CA GLU A 96 15.69 3.20 -4.82
CA GLU A 96 15.72 3.17 -4.77
C GLU A 96 14.29 2.77 -4.37
C GLU A 96 14.29 2.81 -4.34
N LEU A 97 13.47 2.32 -5.31
N LEU A 97 13.48 2.32 -5.28
CA LEU A 97 12.13 1.84 -4.99
CA LEU A 97 12.14 1.86 -4.93
C LEU A 97 12.20 0.69 -3.99
C LEU A 97 12.19 0.68 -3.98
N GLN A 98 13.08 -0.28 -4.23
CA GLN A 98 13.21 -1.42 -3.33
C GLN A 98 13.66 -0.96 -1.95
N GLY A 99 14.53 0.05 -1.90
CA GLY A 99 14.98 0.55 -0.61
C GLY A 99 13.85 1.15 0.21
N VAL A 100 12.94 1.87 -0.45
CA VAL A 100 11.80 2.46 0.25
C VAL A 100 10.87 1.36 0.74
N CYS A 101 10.59 0.38 -0.12
CA CYS A 101 9.74 -0.74 0.30
C CYS A 101 10.36 -1.48 1.48
N ASP A 102 11.67 -1.73 1.42
CA ASP A 102 12.35 -2.40 2.53
C ASP A 102 12.24 -1.57 3.82
N THR A 103 12.34 -0.25 3.70
CA THR A 103 12.21 0.61 4.87
C THR A 103 10.82 0.48 5.49
N VAL A 104 9.78 0.56 4.66
CA VAL A 104 8.42 0.43 5.18
C VAL A 104 8.24 -0.94 5.81
N LEU A 105 8.64 -2.01 5.10
CA LEU A 105 8.46 -3.35 5.65
C LEU A 105 9.23 -3.51 6.96
N GLY A 106 10.38 -2.86 7.07
CA GLY A 106 11.12 -2.91 8.33
C GLY A 106 10.39 -2.24 9.47
N LEU A 107 9.77 -1.08 9.20
CA LEU A 107 8.99 -0.43 10.25
C LEU A 107 7.82 -1.30 10.68
N LEU A 108 7.14 -1.93 9.70
CA LEU A 108 6.01 -2.78 10.04
C LEU A 108 6.45 -3.97 10.87
N ASP A 109 7.61 -4.54 10.55
CA ASP A 109 8.02 -5.77 11.20
C ASP A 109 8.69 -5.51 12.55
N SER A 110 9.35 -4.37 12.70
N SER A 110 9.35 -4.38 12.70
CA SER A 110 10.10 -4.07 13.91
CA SER A 110 10.11 -4.09 13.91
C SER A 110 9.24 -3.41 14.97
C SER A 110 9.26 -3.40 14.98
N HIS A 111 8.31 -2.56 14.57
CA HIS A 111 7.48 -1.81 15.49
C HIS A 111 6.02 -2.24 15.46
N LEU A 112 5.37 -2.09 14.32
CA LEU A 112 3.94 -1.82 14.28
C LEU A 112 3.09 -3.08 14.32
N ILE A 113 3.44 -4.12 13.58
CA ILE A 113 2.54 -5.27 13.50
C ILE A 113 2.50 -6.01 14.83
N LYS A 114 3.67 -6.21 15.46
CA LYS A 114 3.69 -6.98 16.71
C LYS A 114 2.78 -6.37 17.76
N GLU A 115 2.78 -5.04 17.90
CA GLU A 115 2.09 -4.39 19.00
C GLU A 115 0.64 -4.04 18.69
N ALA A 116 0.19 -4.25 17.46
CA ALA A 116 -1.17 -3.89 17.06
C ALA A 116 -2.14 -5.01 17.44
N GLY A 117 -3.07 -4.70 18.35
CA GLY A 117 -4.03 -5.68 18.82
C GLY A 117 -5.44 -5.42 18.35
N ASP A 118 -5.81 -4.14 18.25
CA ASP A 118 -7.13 -3.79 17.75
C ASP A 118 -7.23 -4.12 16.26
N ALA A 119 -8.39 -4.63 15.86
CA ALA A 119 -8.58 -5.04 14.47
C ALA A 119 -8.20 -3.93 13.50
N GLU A 120 -8.59 -2.69 13.80
N GLU A 120 -8.62 -2.70 13.79
CA GLU A 120 -8.37 -1.61 12.86
CA GLU A 120 -8.37 -1.59 12.87
C GLU A 120 -6.88 -1.38 12.60
C GLU A 120 -6.88 -1.44 12.59
N SER A 121 -6.06 -1.41 13.65
CA SER A 121 -4.63 -1.21 13.46
C SER A 121 -4.00 -2.43 12.81
N ARG A 122 -4.36 -3.62 13.27
N ARG A 122 -4.36 -3.62 13.28
CA ARG A 122 -3.71 -4.83 12.76
CA ARG A 122 -3.75 -4.84 12.77
C ARG A 122 -4.02 -5.04 11.28
C ARG A 122 -4.02 -5.02 11.29
N VAL A 123 -5.27 -4.84 10.87
CA VAL A 123 -5.62 -4.99 9.45
C VAL A 123 -4.92 -3.93 8.62
N PHE A 124 -4.89 -2.69 9.12
CA PHE A 124 -4.21 -1.60 8.44
C PHE A 124 -2.76 -1.95 8.13
N TYR A 125 -2.02 -2.44 9.14
CA TYR A 125 -0.60 -2.69 8.95
C TYR A 125 -0.36 -3.91 8.08
N LEU A 126 -1.19 -4.94 8.20
CA LEU A 126 -1.05 -6.13 7.36
C LEU A 126 -1.37 -5.79 5.91
N LYS A 127 -2.37 -4.93 5.68
CA LYS A 127 -2.61 -4.45 4.32
C LYS A 127 -1.39 -3.73 3.77
N MET A 128 -0.79 -2.84 4.57
N MET A 128 -0.79 -2.83 4.56
CA MET A 128 0.41 -2.15 4.13
CA MET A 128 0.41 -2.16 4.12
C MET A 128 1.52 -3.14 3.79
C MET A 128 1.50 -3.17 3.76
N LYS A 129 1.69 -4.18 4.61
CA LYS A 129 2.70 -5.21 4.32
C LYS A 129 2.43 -5.88 2.98
N GLY A 130 1.19 -6.26 2.72
CA GLY A 130 0.84 -6.81 1.41
C GLY A 130 1.11 -5.83 0.29
N ASP A 131 0.76 -4.56 0.49
CA ASP A 131 0.96 -3.55 -0.54
C ASP A 131 2.44 -3.43 -0.93
N TYR A 132 3.33 -3.33 0.07
CA TYR A 132 4.73 -3.09 -0.22
C TYR A 132 5.45 -4.34 -0.74
N TYR A 133 5.01 -5.53 -0.34
CA TYR A 133 5.49 -6.73 -1.03
C TYR A 133 4.99 -6.75 -2.47
N ARG A 134 3.75 -6.29 -2.71
CA ARG A 134 3.24 -6.22 -4.07
C ARG A 134 4.08 -5.27 -4.93
N TYR A 135 4.46 -4.11 -4.38
CA TYR A 135 5.30 -3.20 -5.15
C TYR A 135 6.65 -3.85 -5.45
N LEU A 136 7.19 -4.62 -4.49
CA LEU A 136 8.41 -5.36 -4.77
C LEU A 136 8.19 -6.41 -5.85
N ALA A 137 7.01 -7.04 -5.86
CA ALA A 137 6.73 -8.06 -6.87
C ALA A 137 6.66 -7.46 -8.27
N GLU A 138 6.21 -6.21 -8.37
CA GLU A 138 6.04 -5.60 -9.69
C GLU A 138 7.37 -5.48 -10.43
N VAL A 139 8.47 -5.34 -9.70
CA VAL A 139 9.79 -5.18 -10.29
C VAL A 139 10.66 -6.42 -10.19
N ALA A 140 10.20 -7.45 -9.49
CA ALA A 140 10.98 -8.67 -9.32
C ALA A 140 10.93 -9.53 -10.58
N THR A 141 12.02 -10.25 -10.80
CA THR A 141 12.15 -11.12 -11.98
C THR A 141 12.60 -12.50 -11.55
N ASP A 144 13.76 -13.77 -6.85
CA ASP A 144 12.78 -14.55 -6.10
C ASP A 144 11.40 -13.88 -6.18
N LYS A 145 10.93 -13.67 -7.41
CA LYS A 145 9.58 -13.14 -7.59
C LYS A 145 8.56 -14.01 -6.87
N LYS A 146 8.69 -15.34 -7.00
CA LYS A 146 7.74 -16.24 -6.36
C LYS A 146 7.66 -16.01 -4.86
N ARG A 147 8.82 -15.93 -4.19
CA ARG A 147 8.83 -15.74 -2.75
C ARG A 147 8.17 -14.41 -2.38
N ILE A 148 8.44 -13.36 -3.16
CA ILE A 148 7.85 -12.06 -2.85
C ILE A 148 6.34 -12.11 -3.04
N ILE A 149 5.88 -12.76 -4.10
CA ILE A 149 4.44 -12.88 -4.33
C ILE A 149 3.78 -13.64 -3.18
N ASP A 150 4.42 -14.71 -2.70
CA ASP A 150 3.85 -15.47 -1.59
C ASP A 150 3.78 -14.61 -0.33
N SER A 151 4.78 -13.77 -0.10
CA SER A 151 4.78 -12.92 1.08
C SER A 151 3.63 -11.92 1.03
N ALA A 152 3.37 -11.34 -0.14
CA ALA A 152 2.24 -10.43 -0.29
C ALA A 152 0.92 -11.14 -0.03
N ARG A 153 0.74 -12.32 -0.65
N ARG A 153 0.74 -12.32 -0.65
CA ARG A 153 -0.50 -13.09 -0.49
CA ARG A 153 -0.50 -13.06 -0.47
C ARG A 153 -0.75 -13.42 0.98
C ARG A 153 -0.75 -13.40 0.99
N SER A 154 0.27 -13.88 1.70
CA SER A 154 0.06 -14.29 3.08
C SER A 154 -0.30 -13.09 3.96
N ALA A 155 0.30 -11.93 3.70
CA ALA A 155 -0.04 -10.75 4.48
C ALA A 155 -1.47 -10.30 4.20
N TYR A 156 -1.84 -10.22 2.93
CA TYR A 156 -3.21 -9.87 2.57
C TYR A 156 -4.20 -10.87 3.14
N GLN A 157 -3.87 -12.16 3.12
CA GLN A 157 -4.81 -13.17 3.59
C GLN A 157 -5.05 -13.05 5.09
N GLU A 158 -3.98 -12.84 5.87
N GLU A 158 -3.98 -12.85 5.86
CA GLU A 158 -4.17 -12.64 7.30
CA GLU A 158 -4.14 -12.63 7.30
C GLU A 158 -5.03 -11.41 7.56
C GLU A 158 -5.03 -11.41 7.55
N ALA A 159 -4.78 -10.32 6.82
CA ALA A 159 -5.61 -9.12 6.97
C ALA A 159 -7.06 -9.40 6.62
N MET A 160 -7.28 -10.18 5.55
CA MET A 160 -8.64 -10.51 5.14
C MET A 160 -9.37 -11.31 6.23
N ASP A 161 -8.68 -12.32 6.80
CA ASP A 161 -9.31 -13.14 7.82
C ASP A 161 -9.77 -12.29 9.00
N ILE A 162 -8.92 -11.35 9.44
CA ILE A 162 -9.26 -10.52 10.60
C ILE A 162 -10.38 -9.57 10.24
N SER A 163 -10.30 -8.94 9.06
CA SER A 163 -11.28 -7.91 8.69
C SER A 163 -12.68 -8.49 8.56
N LYS A 164 -12.80 -9.71 8.02
CA LYS A 164 -14.13 -10.31 7.90
C LYS A 164 -14.67 -10.72 9.27
N LYS A 165 -13.79 -11.05 10.22
N LYS A 165 -13.79 -11.04 10.21
CA LYS A 165 -14.25 -11.43 11.55
CA LYS A 165 -14.24 -11.44 11.55
C LYS A 165 -14.63 -10.22 12.38
C LYS A 165 -14.59 -10.25 12.43
N GLU A 166 -13.87 -9.13 12.28
CA GLU A 166 -13.96 -8.03 13.21
C GLU A 166 -14.50 -6.71 12.67
N MET A 167 -14.71 -6.57 11.37
CA MET A 167 -15.11 -5.29 10.81
C MET A 167 -16.35 -5.45 9.95
N PRO A 168 -17.21 -4.43 9.89
CA PRO A 168 -18.39 -4.50 9.01
C PRO A 168 -17.99 -4.40 7.56
N PRO A 169 -18.83 -4.87 6.65
CA PRO A 169 -18.44 -4.90 5.22
C PRO A 169 -18.14 -3.56 4.62
N THR A 170 -18.67 -2.47 5.17
CA THR A 170 -18.45 -1.14 4.62
C THR A 170 -17.31 -0.39 5.28
N ASN A 171 -16.60 -1.02 6.22
CA ASN A 171 -15.45 -0.37 6.84
CA ASN A 171 -15.45 -0.37 6.84
C ASN A 171 -14.45 0.01 5.77
N PRO A 172 -14.00 1.27 5.70
CA PRO A 172 -13.10 1.65 4.59
C PRO A 172 -11.81 0.86 4.54
N ILE A 173 -11.24 0.48 5.69
CA ILE A 173 -10.02 -0.30 5.66
C ILE A 173 -10.29 -1.68 5.08
N ARG A 174 -11.39 -2.32 5.50
CA ARG A 174 -11.76 -3.61 4.93
C ARG A 174 -11.95 -3.50 3.42
N LEU A 175 -12.65 -2.45 2.97
CA LEU A 175 -12.90 -2.28 1.54
C LEU A 175 -11.61 -2.04 0.77
N GLY A 176 -10.73 -1.17 1.28
CA GLY A 176 -9.48 -0.90 0.59
C GLY A 176 -8.57 -2.11 0.54
N LEU A 177 -8.56 -2.90 1.61
CA LEU A 177 -7.83 -4.17 1.59
C LEU A 177 -8.35 -5.08 0.48
N ALA A 178 -9.67 -5.24 0.39
CA ALA A 178 -10.24 -6.12 -0.62
C ALA A 178 -9.95 -5.61 -2.03
N LEU A 179 -10.05 -4.29 -2.23
CA LEU A 179 -9.67 -3.71 -3.52
C LEU A 179 -8.25 -4.09 -3.90
N ASN A 180 -7.30 -3.89 -2.98
CA ASN A 180 -5.89 -4.10 -3.32
C ASN A 180 -5.56 -5.59 -3.47
N PHE A 181 -6.16 -6.44 -2.65
CA PHE A 181 -5.98 -7.88 -2.79
C PHE A 181 -6.54 -8.36 -4.13
N SER A 182 -7.68 -7.80 -4.56
N SER A 182 -7.68 -7.81 -4.57
CA SER A 182 -8.23 -8.15 -5.86
CA SER A 182 -8.21 -8.20 -5.87
C SER A 182 -7.29 -7.72 -6.98
C SER A 182 -7.27 -7.73 -6.99
N VAL A 183 -6.69 -6.53 -6.86
CA VAL A 183 -5.72 -6.08 -7.85
C VAL A 183 -4.50 -6.99 -7.85
N PHE A 184 -4.06 -7.41 -6.66
CA PHE A 184 -2.95 -8.36 -6.56
C PHE A 184 -3.26 -9.63 -7.36
N HIS A 185 -4.47 -10.18 -7.18
CA HIS A 185 -4.85 -11.39 -7.90
C HIS A 185 -4.79 -11.17 -9.41
N TYR A 186 -5.31 -10.03 -9.86
CA TYR A 186 -5.46 -9.79 -11.29
C TYR A 186 -4.13 -9.46 -11.95
N GLU A 187 -3.32 -8.61 -11.31
N GLU A 187 -3.33 -8.58 -11.32
CA GLU A 187 -2.16 -8.04 -11.97
CA GLU A 187 -2.15 -8.03 -11.94
C GLU A 187 -0.84 -8.68 -11.56
C GLU A 187 -0.88 -8.80 -11.62
N ILE A 188 -0.80 -9.38 -10.44
CA ILE A 188 0.43 -9.98 -9.93
C ILE A 188 0.37 -11.52 -10.00
N ALA A 189 -0.73 -12.10 -9.53
CA ALA A 189 -0.78 -13.53 -9.25
C ALA A 189 -1.40 -14.35 -10.36
N ASN A 190 -1.71 -13.73 -11.51
N ASN A 190 -1.71 -13.73 -11.51
CA ASN A 190 -2.25 -14.48 -12.65
CA ASN A 190 -2.27 -14.43 -12.66
C ASN A 190 -3.53 -15.21 -12.27
C ASN A 190 -3.52 -15.21 -12.27
N SER A 191 -4.39 -14.56 -11.50
CA SER A 191 -5.64 -15.14 -11.03
C SER A 191 -6.80 -14.19 -11.26
N PRO A 192 -7.12 -13.88 -12.52
CA PRO A 192 -8.20 -12.92 -12.79
C PRO A 192 -9.56 -13.36 -12.26
N GLU A 193 -9.86 -14.66 -12.28
CA GLU A 193 -11.17 -15.10 -11.78
C GLU A 193 -11.29 -14.87 -10.28
N GLU A 194 -10.24 -15.14 -9.52
CA GLU A 194 -10.25 -14.81 -8.10
C GLU A 194 -10.39 -13.31 -7.89
N ALA A 195 -9.70 -12.50 -8.70
CA ALA A 195 -9.80 -11.06 -8.58
C ALA A 195 -11.23 -10.59 -8.79
N ILE A 196 -11.89 -11.10 -9.84
CA ILE A 196 -13.26 -10.70 -10.14
C ILE A 196 -14.20 -11.16 -9.04
N SER A 197 -14.04 -12.40 -8.57
N SER A 197 -14.03 -12.40 -8.56
CA SER A 197 -14.89 -12.94 -7.52
CA SER A 197 -14.92 -12.91 -7.52
C SER A 197 -14.79 -12.09 -6.25
C SER A 197 -14.79 -12.11 -6.24
N LEU A 198 -13.56 -11.76 -5.85
CA LEU A 198 -13.36 -10.99 -4.63
C LEU A 198 -13.98 -9.60 -4.76
N ALA A 199 -13.74 -8.94 -5.90
CA ALA A 199 -14.28 -7.60 -6.08
C ALA A 199 -15.80 -7.61 -6.07
N LYS A 200 -16.41 -8.61 -6.72
CA LYS A 200 -17.87 -8.62 -6.80
C LYS A 200 -18.50 -8.93 -5.45
N THR A 201 -17.98 -9.96 -4.76
N THR A 201 -18.00 -9.94 -4.73
CA THR A 201 -18.47 -10.28 -3.42
CA THR A 201 -18.58 -10.22 -3.42
C THR A 201 -18.34 -9.08 -2.49
C THR A 201 -18.36 -9.06 -2.46
N THR A 202 -17.19 -8.42 -2.51
CA THR A 202 -16.94 -7.26 -1.66
C THR A 202 -17.95 -6.15 -1.96
N PHE A 203 -18.14 -5.82 -3.23
CA PHE A 203 -19.06 -4.75 -3.59
C PHE A 203 -20.49 -5.09 -3.17
N ASP A 204 -20.93 -6.30 -3.49
CA ASP A 204 -22.31 -6.69 -3.18
C ASP A 204 -22.57 -6.66 -1.67
N GLU A 205 -21.63 -7.15 -0.87
CA GLU A 205 -21.84 -7.19 0.56
C GLU A 205 -21.78 -5.80 1.18
N ALA A 206 -21.02 -4.89 0.58
CA ALA A 206 -20.99 -3.51 1.06
C ALA A 206 -22.30 -2.80 0.74
N MET A 207 -22.89 -3.07 -0.42
N MET A 207 -22.88 -3.06 -0.43
CA MET A 207 -24.15 -2.43 -0.78
CA MET A 207 -24.15 -2.44 -0.79
C MET A 207 -25.22 -2.71 0.26
C MET A 207 -25.22 -2.71 0.27
N ALA A 208 -25.36 -3.97 0.65
CA ALA A 208 -26.39 -4.37 1.62
C ALA A 208 -26.09 -3.90 3.03
N ASP A 209 -24.87 -3.41 3.28
CA ASP A 209 -24.48 -2.85 4.57
C ASP A 209 -24.54 -1.34 4.60
N LEU A 210 -24.76 -0.69 3.45
CA LEU A 210 -24.72 0.76 3.39
C LEU A 210 -25.73 1.41 4.33
N HIS A 211 -26.74 0.67 4.81
CA HIS A 211 -27.70 1.24 5.73
C HIS A 211 -27.17 1.30 7.17
N THR A 212 -25.93 0.87 7.39
CA THR A 212 -25.24 1.03 8.66
C THR A 212 -24.05 1.98 8.57
N LEU A 213 -23.70 2.44 7.37
CA LEU A 213 -22.50 3.23 7.16
C LEU A 213 -22.63 4.62 7.77
N SER A 214 -21.57 5.06 8.43
CA SER A 214 -21.56 6.35 9.09
C SER A 214 -21.43 7.47 8.07
N GLU A 215 -22.00 8.63 8.41
CA GLU A 215 -21.86 9.80 7.55
C GLU A 215 -20.40 10.21 7.42
N ASP A 216 -19.59 9.95 8.45
CA ASP A 216 -18.21 10.40 8.45
C ASP A 216 -17.31 9.54 7.56
N SER A 217 -17.66 8.27 7.37
CA SER A 217 -16.90 7.36 6.52
C SER A 217 -17.58 7.08 5.19
N TYR A 218 -18.76 7.66 4.95
CA TYR A 218 -19.48 7.43 3.71
C TYR A 218 -18.64 7.81 2.50
N LYS A 219 -17.91 8.92 2.60
CA LYS A 219 -17.12 9.39 1.46
C LYS A 219 -16.01 8.41 1.11
N ASP A 220 -15.28 7.93 2.12
CA ASP A 220 -14.19 7.01 1.87
C ASP A 220 -14.70 5.71 1.27
N SER A 221 -15.77 5.16 1.84
N SER A 221 -15.78 5.16 1.83
CA SER A 221 -16.24 3.84 1.43
CA SER A 221 -16.22 3.83 1.42
C SER A 221 -16.90 3.86 0.06
C SER A 221 -16.91 3.86 0.06
N THR A 222 -17.70 4.89 -0.23
CA THR A 222 -18.31 5.00 -1.54
C THR A 222 -17.25 5.18 -2.61
N LEU A 223 -16.20 5.95 -2.30
CA LEU A 223 -15.07 6.09 -3.21
C LEU A 223 -14.45 4.74 -3.53
N ILE A 224 -14.14 3.94 -2.51
CA ILE A 224 -13.52 2.64 -2.73
C ILE A 224 -14.48 1.71 -3.45
N MET A 225 -15.76 1.74 -3.08
CA MET A 225 -16.76 0.97 -3.80
C MET A 225 -16.77 1.33 -5.28
N GLN A 226 -16.62 2.62 -5.59
CA GLN A 226 -16.59 3.05 -6.99
C GLN A 226 -15.34 2.51 -7.69
N LEU A 227 -14.22 2.44 -6.98
CA LEU A 227 -13.01 1.85 -7.57
C LEU A 227 -13.20 0.36 -7.82
N LEU A 228 -13.88 -0.34 -6.91
CA LEU A 228 -14.20 -1.75 -7.15
C LEU A 228 -15.05 -1.90 -8.41
N ARG A 229 -16.10 -1.09 -8.54
N ARG A 229 -16.09 -1.08 -8.54
CA ARG A 229 -16.93 -1.13 -9.74
CA ARG A 229 -16.93 -1.15 -9.73
C ARG A 229 -16.14 -0.79 -10.98
C ARG A 229 -16.14 -0.78 -10.99
N ASP A 230 -15.24 0.21 -10.88
CA ASP A 230 -14.42 0.57 -12.04
C ASP A 230 -13.59 -0.61 -12.50
N ASN A 231 -12.98 -1.34 -11.57
CA ASN A 231 -12.18 -2.51 -11.93
C ASN A 231 -13.05 -3.61 -12.53
N LEU A 232 -14.22 -3.86 -11.93
CA LEU A 232 -15.10 -4.90 -12.46
C LEU A 232 -15.52 -4.57 -13.90
N THR A 233 -15.71 -3.29 -14.20
CA THR A 233 -16.08 -2.89 -15.55
C THR A 233 -14.91 -3.09 -16.52
N LEU A 234 -13.69 -2.85 -16.05
CA LEU A 234 -12.52 -3.06 -16.88
C LEU A 234 -12.23 -4.54 -17.09
N TRP A 235 -12.52 -5.36 -16.08
CA TRP A 235 -12.17 -6.77 -16.09
C TRP A 235 -13.22 -7.66 -16.74
N THR A 236 -14.43 -7.16 -16.93
CA THR A 236 -15.52 -7.98 -17.44
C THR A 236 -16.29 -7.26 -18.55
#